data_2YC1
#
_entry.id   2YC1
#
_cell.length_a   219.709
_cell.length_b   219.709
_cell.length_c   219.709
_cell.angle_alpha   90.00
_cell.angle_beta   90.00
_cell.angle_gamma   90.00
#
_symmetry.space_group_name_H-M   'F 2 3'
#
loop_
_entity.id
_entity.type
_entity.pdbx_description
1 polymer 'SINGLE CHAIN ANTIBODY FRAGMENT 9004G'
2 polymer 'SINGLE CHAIN ANTIBODY FRAGMENT 9004G'
3 polymer 'BETA-MAMMAL TOXIN CN2'
4 non-polymer GLYCEROL
5 water water
#
loop_
_entity_poly.entity_id
_entity_poly.type
_entity_poly.pdbx_seq_one_letter_code
_entity_poly.pdbx_strand_id
1 'polypeptide(L)'
;EVQLVESGGGLVQPGGSLRLSCTGSGFTFDNYAMHWLRQVPGEGLEWVSGISRSSGDIDYADSVKGRFTISRDDAKKTLS
LQMNSLRAEDTAVYYCARGGVGSFDTWGQGTMVTVSS
;
A,D
2 'polypeptide(L)'
;GGGGSGGGGSGGGGSEIVLTQSPATLSVSPGERATLSCRASQSVRSYLAWYQQKPGQAPRLLFSDASNRATGIPARFTGS
GSGTDFTLTISSLEPEDFAIYYCQQYRYSPRTFGQGTKVEIKRAAAEQKLISEEDLNGAAHHHHHH
;
B,E
3 'polypeptide(L)' KEGYLVDKNTGCKYECLKLGDNDYCLRECKQQYGKGAGGYCYAFACWCTHLYEQAIVWPLPNKRCS C,F
#
# COMPACT_ATOMS: atom_id res chain seq x y z
N GLU A 1 -19.97 15.16 -17.30
CA GLU A 1 -18.87 14.49 -17.99
C GLU A 1 -17.90 13.86 -17.00
N VAL A 2 -17.21 12.82 -17.44
CA VAL A 2 -16.24 12.13 -16.60
C VAL A 2 -15.04 13.03 -16.29
N GLN A 3 -14.87 13.36 -15.01
CA GLN A 3 -13.77 14.23 -14.60
C GLN A 3 -12.97 13.68 -13.41
N LEU A 4 -11.68 13.97 -13.43
CA LEU A 4 -10.74 13.56 -12.39
C LEU A 4 -10.00 14.80 -11.92
N VAL A 5 -9.88 14.98 -10.61
CA VAL A 5 -9.21 16.16 -10.06
C VAL A 5 -8.14 15.77 -9.06
N GLU A 6 -6.88 16.03 -9.39
CA GLU A 6 -5.75 15.70 -8.52
C GLU A 6 -5.47 16.79 -7.51
N SER A 7 -4.93 16.40 -6.36
CA SER A 7 -4.48 17.37 -5.38
C SER A 7 -3.36 16.76 -4.57
N GLY A 8 -2.69 17.59 -3.76
CA GLY A 8 -1.69 17.09 -2.84
C GLY A 8 -0.26 17.23 -3.33
N GLY A 9 -0.08 17.79 -4.51
CA GLY A 9 1.24 17.99 -5.06
C GLY A 9 1.96 19.13 -4.36
N GLY A 10 3.20 19.38 -4.74
CA GLY A 10 3.96 20.46 -4.13
C GLY A 10 5.45 20.20 -4.15
N LEU A 11 6.18 20.97 -3.36
CA LEU A 11 7.62 20.88 -3.32
C LEU A 11 8.07 20.23 -2.00
N VAL A 12 9.01 19.30 -2.09
CA VAL A 12 9.62 18.70 -0.90
C VAL A 12 11.08 18.48 -1.17
N GLN A 13 11.87 18.28 -0.11
CA GLN A 13 13.27 17.91 -0.29
C GLN A 13 13.37 16.42 -0.55
N PRO A 14 14.50 15.99 -1.14
CA PRO A 14 14.81 14.56 -1.22
C PRO A 14 14.60 13.92 0.13
N GLY A 15 14.01 12.72 0.13
CA GLY A 15 13.68 12.02 1.36
C GLY A 15 12.32 12.38 1.91
N GLY A 16 11.70 13.43 1.35
CA GLY A 16 10.42 13.89 1.86
C GLY A 16 9.25 13.01 1.45
N SER A 17 8.05 13.43 1.80
CA SER A 17 6.84 12.65 1.54
CA SER A 17 6.85 12.65 1.57
C SER A 17 5.72 13.54 1.05
N LEU A 18 4.86 13.00 0.20
CA LEU A 18 3.66 13.71 -0.24
C LEU A 18 2.53 12.70 -0.34
N ARG A 19 1.30 13.17 -0.18
CA ARG A 19 0.15 12.32 -0.43
C ARG A 19 -0.73 12.92 -1.52
N LEU A 20 -0.78 12.27 -2.66
CA LEU A 20 -1.63 12.72 -3.76
C LEU A 20 -3.01 12.13 -3.59
N SER A 21 -4.02 12.90 -3.96
CA SER A 21 -5.39 12.42 -3.93
C SER A 21 -6.03 12.74 -5.27
N CYS A 22 -6.97 11.90 -5.69
CA CYS A 22 -7.73 12.13 -6.92
C CYS A 22 -9.20 11.88 -6.63
N THR A 23 -10.04 12.84 -6.98
CA THR A 23 -11.47 12.69 -6.81
C THR A 23 -12.12 12.58 -8.17
N GLY A 24 -12.98 11.59 -8.32
CA GLY A 24 -13.66 11.38 -9.58
C GLY A 24 -15.10 11.81 -9.49
N SER A 25 -15.62 12.38 -10.57
CA SER A 25 -17.01 12.74 -10.68
C SER A 25 -17.50 12.43 -12.09
N GLY A 26 -18.80 12.23 -12.25
CA GLY A 26 -19.39 12.03 -13.55
C GLY A 26 -19.35 10.60 -14.07
N PHE A 27 -18.99 9.65 -13.21
CA PHE A 27 -18.99 8.24 -13.56
C PHE A 27 -19.03 7.43 -12.28
N THR A 28 -19.34 6.13 -12.40
CA THR A 28 -19.39 5.28 -11.22
C THR A 28 -17.96 4.86 -10.85
N PHE A 29 -17.36 5.63 -9.95
CA PHE A 29 -15.97 5.49 -9.55
C PHE A 29 -15.59 4.06 -9.20
N ASP A 30 -16.43 3.39 -8.42
CA ASP A 30 -16.07 2.05 -7.95
C ASP A 30 -16.11 0.95 -9.00
N ASN A 31 -16.58 1.28 -10.20
CA ASN A 31 -16.63 0.31 -11.31
C ASN A 31 -15.36 0.30 -12.17
N TYR A 32 -14.37 1.13 -11.84
CA TYR A 32 -13.17 1.20 -12.67
C TYR A 32 -11.89 1.02 -11.91
N ALA A 33 -10.92 0.40 -12.57
CA ALA A 33 -9.53 0.47 -12.13
C ALA A 33 -9.06 1.91 -12.29
N MET A 34 -8.21 2.36 -11.37
CA MET A 34 -7.74 3.73 -11.35
C MET A 34 -6.22 3.74 -11.30
N HIS A 35 -5.61 4.76 -11.90
CA HIS A 35 -4.16 4.78 -12.05
C HIS A 35 -3.54 6.14 -11.76
N TRP A 36 -2.25 6.11 -11.44
CA TRP A 36 -1.39 7.31 -11.40
C TRP A 36 -0.35 7.15 -12.49
N LEU A 37 -0.14 8.21 -13.25
CA LEU A 37 0.95 8.23 -14.22
C LEU A 37 1.68 9.55 -13.99
N ARG A 38 2.84 9.73 -14.62
CA ARG A 38 3.54 10.98 -14.45
C ARG A 38 4.26 11.40 -15.72
N GLN A 39 4.58 12.67 -15.80
CA GLN A 39 5.21 13.24 -16.99
C GLN A 39 6.14 14.35 -16.55
N VAL A 40 7.44 14.13 -16.71
CA VAL A 40 8.39 15.20 -16.49
C VAL A 40 8.11 16.26 -17.56
N PRO A 41 8.02 17.52 -17.12
CA PRO A 41 7.76 18.61 -18.08
C PRO A 41 8.68 18.51 -19.30
N GLY A 42 8.09 18.57 -20.49
CA GLY A 42 8.84 18.49 -21.73
C GLY A 42 9.17 17.07 -22.15
N GLU A 43 8.73 16.07 -21.37
CA GLU A 43 9.11 14.69 -21.65
C GLU A 43 7.89 13.76 -21.82
N GLY A 44 8.15 12.46 -21.86
CA GLY A 44 7.08 11.50 -22.17
C GLY A 44 6.29 11.01 -20.96
N LEU A 45 5.46 10.00 -21.17
CA LEU A 45 4.57 9.49 -20.12
C LEU A 45 5.12 8.21 -19.48
N GLU A 46 4.85 8.04 -18.18
CA GLU A 46 5.30 6.86 -17.45
C GLU A 46 4.17 6.44 -16.53
N TRP A 47 3.77 5.18 -16.60
CA TRP A 47 2.78 4.65 -15.65
C TRP A 47 3.44 4.48 -14.28
N VAL A 48 2.73 4.83 -13.21
CA VAL A 48 3.32 4.77 -11.89
C VAL A 48 2.73 3.68 -11.00
N SER A 49 1.40 3.60 -10.96
CA SER A 49 0.77 2.65 -10.05
C SER A 49 -0.70 2.56 -10.42
N GLY A 50 -1.35 1.47 -10.01
CA GLY A 50 -2.73 1.29 -10.39
C GLY A 50 -3.41 0.33 -9.45
N ILE A 51 -4.74 0.44 -9.38
CA ILE A 51 -5.52 -0.36 -8.44
C ILE A 51 -6.85 -0.76 -9.09
N SER A 52 -7.19 -2.05 -9.01
CA SER A 52 -8.39 -2.56 -9.66
C SER A 52 -9.67 -2.21 -8.90
N ARG A 53 -10.82 -2.57 -9.49
CA ARG A 53 -12.08 -2.54 -8.74
C ARG A 53 -11.87 -3.36 -7.46
N SER A 54 -12.48 -2.88 -6.38
CA SER A 54 -12.47 -3.60 -5.10
CA SER A 54 -12.47 -3.55 -5.07
C SER A 54 -11.08 -3.65 -4.45
N SER A 55 -10.12 -2.93 -5.03
CA SER A 55 -8.74 -2.94 -4.54
C SER A 55 -8.17 -4.34 -4.58
N GLY A 56 -8.72 -5.18 -5.44
CA GLY A 56 -8.34 -6.58 -5.48
C GLY A 56 -7.01 -6.89 -6.14
N ASP A 57 -6.51 -5.96 -6.95
CA ASP A 57 -5.27 -6.17 -7.67
C ASP A 57 -4.54 -4.82 -7.69
N ILE A 58 -3.29 -4.82 -7.23
CA ILE A 58 -2.53 -3.58 -7.04
C ILE A 58 -1.14 -3.73 -7.59
N ASP A 59 -0.62 -2.71 -8.28
CA ASP A 59 0.72 -2.83 -8.80
C ASP A 59 1.40 -1.47 -8.89
N TYR A 60 2.72 -1.51 -9.06
CA TYR A 60 3.56 -0.31 -9.04
C TYR A 60 4.64 -0.48 -10.08
N ALA A 61 5.09 0.64 -10.66
CA ALA A 61 6.29 0.62 -11.48
C ALA A 61 7.47 0.22 -10.61
N ASP A 62 8.43 -0.48 -11.20
CA ASP A 62 9.59 -0.95 -10.45
C ASP A 62 10.30 0.20 -9.73
N SER A 63 10.35 1.37 -10.36
CA SER A 63 11.07 2.51 -9.80
C SER A 63 10.43 3.12 -8.55
N VAL A 64 9.20 2.74 -8.22
CA VAL A 64 8.56 3.29 -7.03
C VAL A 64 8.14 2.23 -6.03
N LYS A 65 8.41 0.97 -6.35
CA LYS A 65 8.03 -0.11 -5.44
C LYS A 65 8.75 0.04 -4.13
N GLY A 66 8.02 -0.13 -3.04
CA GLY A 66 8.58 -0.02 -1.71
C GLY A 66 8.50 1.39 -1.17
N ARG A 67 8.30 2.36 -2.06
CA ARG A 67 8.24 3.75 -1.64
C ARG A 67 6.82 4.35 -1.72
N PHE A 68 6.07 3.95 -2.72
CA PHE A 68 4.72 4.47 -2.93
C PHE A 68 3.68 3.45 -2.51
N THR A 69 2.56 3.94 -1.98
CA THR A 69 1.44 3.08 -1.61
C THR A 69 0.12 3.62 -2.12
N ILE A 70 -0.57 2.80 -2.89
CA ILE A 70 -1.81 3.24 -3.49
C ILE A 70 -3.01 2.66 -2.76
N SER A 71 -4.07 3.45 -2.65
CA SER A 71 -5.28 2.96 -2.03
C SER A 71 -6.46 3.73 -2.61
N ARG A 72 -7.67 3.22 -2.40
CA ARG A 72 -8.86 3.92 -2.85
C ARG A 72 -9.93 3.84 -1.78
N ASP A 73 -10.80 4.84 -1.77
CA ASP A 73 -11.95 4.90 -0.88
C ASP A 73 -13.18 5.10 -1.77
N ASP A 74 -13.89 4.02 -2.04
CA ASP A 74 -14.97 4.11 -3.02
C ASP A 74 -16.09 5.02 -2.56
N ALA A 75 -16.46 4.92 -1.28
CA ALA A 75 -17.46 5.80 -0.69
C ALA A 75 -17.17 7.28 -0.96
N LYS A 76 -15.91 7.66 -0.84
CA LYS A 76 -15.50 9.05 -1.07
C LYS A 76 -15.19 9.31 -2.54
N LYS A 77 -15.17 8.25 -3.34
CA LYS A 77 -14.79 8.39 -4.74
C LYS A 77 -13.39 8.97 -4.86
N THR A 78 -12.49 8.50 -4.02
CA THR A 78 -11.13 9.02 -4.06
C THR A 78 -10.11 7.91 -4.23
N LEU A 79 -9.01 8.29 -4.87
CA LEU A 79 -7.85 7.46 -5.05
C LEU A 79 -6.73 8.21 -4.33
N SER A 80 -5.82 7.50 -3.67
CA SER A 80 -4.71 8.16 -2.99
C SER A 80 -3.39 7.52 -3.37
N LEU A 81 -2.31 8.30 -3.29
CA LEU A 81 -1.00 7.75 -3.46
C LEU A 81 -0.10 8.34 -2.39
N GLN A 82 0.28 7.53 -1.40
CA GLN A 82 1.26 7.97 -0.41
C GLN A 82 2.66 7.81 -0.99
N MET A 83 3.39 8.91 -1.14
CA MET A 83 4.70 8.82 -1.75
C MET A 83 5.77 9.12 -0.71
N ASN A 84 6.51 8.10 -0.30
CA ASN A 84 7.53 8.30 0.72
C ASN A 84 8.93 8.21 0.11
N SER A 85 9.94 8.67 0.85
CA SER A 85 11.33 8.59 0.36
C SER A 85 11.47 9.15 -1.06
N LEU A 86 10.90 10.32 -1.29
CA LEU A 86 10.91 10.91 -2.62
C LEU A 86 12.32 11.26 -3.06
N ARG A 87 12.58 11.07 -4.35
CA ARG A 87 13.87 11.31 -4.96
C ARG A 87 13.72 12.39 -6.02
N ALA A 88 14.84 13.02 -6.38
CA ALA A 88 14.85 14.06 -7.39
C ALA A 88 14.16 13.59 -8.68
N GLU A 89 14.44 12.35 -9.08
CA GLU A 89 13.88 11.84 -10.33
C GLU A 89 12.37 11.53 -10.26
N ASP A 90 11.77 11.69 -9.09
CA ASP A 90 10.32 11.59 -8.95
C ASP A 90 9.64 12.89 -9.35
N THR A 91 10.42 13.93 -9.63
CA THR A 91 9.86 15.21 -9.99
C THR A 91 9.12 15.05 -11.33
N ALA A 92 7.88 15.54 -11.38
CA ALA A 92 7.03 15.37 -12.56
C ALA A 92 5.64 15.89 -12.27
N VAL A 93 4.86 16.09 -13.33
CA VAL A 93 3.42 16.27 -13.16
C VAL A 93 2.82 14.88 -12.96
N TYR A 94 2.02 14.72 -11.91
CA TYR A 94 1.33 13.44 -11.67
C TYR A 94 -0.12 13.52 -12.10
N TYR A 95 -0.51 12.57 -12.93
CA TYR A 95 -1.87 12.47 -13.41
C TYR A 95 -2.62 11.30 -12.79
N CYS A 96 -3.86 11.54 -12.39
CA CYS A 96 -4.72 10.40 -12.12
CA CYS A 96 -4.81 10.48 -12.10
C CYS A 96 -5.48 10.07 -13.41
N ALA A 97 -5.69 8.78 -13.65
CA ALA A 97 -6.35 8.36 -14.89
C ALA A 97 -7.26 7.17 -14.65
N ARG A 98 -8.39 7.17 -15.36
CA ARG A 98 -9.28 6.03 -15.29
C ARG A 98 -8.80 4.95 -16.23
N GLY A 99 -8.80 3.70 -15.74
CA GLY A 99 -8.32 2.59 -16.54
C GLY A 99 -9.28 2.31 -17.68
N GLY A 100 -8.73 2.03 -18.84
CA GLY A 100 -9.55 1.67 -19.99
C GLY A 100 -9.20 0.27 -20.46
N VAL A 101 -8.93 -0.61 -19.50
CA VAL A 101 -8.60 -2.00 -19.79
C VAL A 101 -7.42 -2.16 -20.76
N GLY A 102 -6.28 -1.61 -20.35
CA GLY A 102 -5.06 -1.69 -21.15
C GLY A 102 -4.57 -0.27 -21.38
N SER A 103 -5.51 0.60 -21.73
CA SER A 103 -5.21 1.98 -22.03
C SER A 103 -5.67 2.82 -20.84
N PHE A 104 -5.50 4.13 -20.95
CA PHE A 104 -5.95 5.05 -19.91
C PHE A 104 -6.90 6.04 -20.53
N ASP A 105 -8.19 5.87 -20.25
CA ASP A 105 -9.18 6.48 -21.12
C ASP A 105 -9.63 7.88 -20.72
N THR A 106 -9.29 8.29 -19.51
CA THR A 106 -9.65 9.60 -19.02
C THR A 106 -8.55 10.07 -18.08
N TRP A 107 -8.09 11.30 -18.25
CA TRP A 107 -6.97 11.83 -17.49
C TRP A 107 -7.37 13.10 -16.77
N GLY A 108 -6.88 13.29 -15.55
CA GLY A 108 -7.04 14.55 -14.88
C GLY A 108 -6.09 15.57 -15.48
N GLN A 109 -6.10 16.80 -14.96
CA GLN A 109 -5.22 17.85 -15.47
C GLN A 109 -3.82 17.75 -14.87
N GLY A 110 -3.68 16.93 -13.83
CA GLY A 110 -2.38 16.68 -13.24
C GLY A 110 -2.03 17.67 -12.13
N THR A 111 -1.07 17.27 -11.28
CA THR A 111 -0.59 18.11 -10.19
C THR A 111 0.93 18.02 -10.15
N MET A 112 1.60 19.16 -10.01
CA MET A 112 3.05 19.17 -10.06
C MET A 112 3.67 18.71 -8.75
N VAL A 113 4.64 17.82 -8.86
CA VAL A 113 5.41 17.35 -7.73
C VAL A 113 6.87 17.67 -7.98
N THR A 114 7.46 18.49 -7.12
CA THR A 114 8.87 18.82 -7.25
C THR A 114 9.64 18.37 -6.03
N VAL A 115 10.71 17.62 -6.28
CA VAL A 115 11.55 17.12 -5.21
C VAL A 115 12.92 17.73 -5.43
N SER A 116 13.29 18.68 -4.56
CA SER A 116 14.53 19.42 -4.74
C SER A 116 15.06 19.93 -3.40
N SER A 117 16.37 20.03 -3.27
CA SER A 117 16.97 20.47 -2.00
C SER A 117 17.10 21.99 -1.92
N SER B 15 13.09 -7.94 -21.21
CA SER B 15 13.33 -6.64 -21.83
C SER B 15 12.04 -6.07 -22.40
N GLU B 16 11.76 -4.81 -22.06
CA GLU B 16 10.48 -4.20 -22.35
C GLU B 16 10.28 -3.88 -23.83
N ILE B 17 9.01 -3.74 -24.21
CA ILE B 17 8.66 -3.42 -25.58
C ILE B 17 9.07 -1.99 -25.89
N VAL B 18 9.83 -1.83 -26.98
CA VAL B 18 10.20 -0.50 -27.44
C VAL B 18 9.29 -0.10 -28.57
N LEU B 19 8.67 1.06 -28.44
CA LEU B 19 7.82 1.61 -29.48
C LEU B 19 8.57 2.75 -30.17
N THR B 20 8.83 2.58 -31.46
CA THR B 20 9.52 3.62 -32.22
C THR B 20 8.53 4.41 -33.08
N GLN B 21 8.35 5.68 -32.75
CA GLN B 21 7.45 6.55 -33.48
C GLN B 21 8.22 7.39 -34.49
N SER B 22 7.76 7.38 -35.73
CA SER B 22 8.39 8.17 -36.78
C SER B 22 7.34 8.84 -37.65
N PRO B 23 7.65 10.04 -38.16
CA PRO B 23 8.92 10.71 -37.84
C PRO B 23 8.80 11.35 -36.47
N ALA B 24 9.90 11.82 -35.90
CA ALA B 24 9.85 12.53 -34.63
C ALA B 24 9.01 13.79 -34.76
N THR B 25 9.09 14.42 -35.93
CA THR B 25 8.32 15.61 -36.20
C THR B 25 7.76 15.55 -37.60
N LEU B 26 6.53 16.03 -37.76
CA LEU B 26 5.84 15.97 -39.05
C LEU B 26 5.28 17.34 -39.39
N SER B 27 5.93 18.00 -40.35
CA SER B 27 5.51 19.34 -40.76
C SER B 27 4.49 19.24 -41.88
N VAL B 28 3.29 19.74 -41.62
CA VAL B 28 2.20 19.60 -42.56
C VAL B 28 1.28 20.82 -42.56
N SER B 29 0.55 21.00 -43.66
CA SER B 29 -0.35 22.13 -43.82
C SER B 29 -1.78 21.73 -43.49
N PRO B 30 -2.57 22.66 -42.96
CA PRO B 30 -3.98 22.39 -42.69
C PRO B 30 -4.68 21.89 -43.94
N GLY B 31 -5.66 21.01 -43.75
CA GLY B 31 -6.36 20.42 -44.87
C GLY B 31 -5.61 19.22 -45.41
N GLU B 32 -4.31 19.18 -45.16
CA GLU B 32 -3.49 18.04 -45.61
C GLU B 32 -3.72 16.80 -44.75
N ARG B 33 -3.04 15.73 -45.14
CA ARG B 33 -3.20 14.42 -44.52
C ARG B 33 -1.92 14.08 -43.77
N ALA B 34 -2.07 13.60 -42.53
CA ALA B 34 -0.91 13.21 -41.73
C ALA B 34 -0.93 11.70 -41.48
N THR B 35 0.22 11.06 -41.63
CA THR B 35 0.33 9.63 -41.37
C THR B 35 1.45 9.39 -40.36
N LEU B 36 1.06 8.96 -39.17
CA LEU B 36 2.01 8.71 -38.10
C LEU B 36 2.26 7.22 -37.93
N SER B 37 3.51 6.88 -37.66
CA SER B 37 3.91 5.49 -37.60
C SER B 37 4.37 5.11 -36.19
N CYS B 38 3.96 3.93 -35.75
CA CYS B 38 4.43 3.38 -34.48
C CYS B 38 4.86 1.96 -34.74
N ARG B 39 6.12 1.66 -34.47
CA ARG B 39 6.67 0.34 -34.67
C ARG B 39 7.06 -0.26 -33.33
N ALA B 40 6.57 -1.46 -33.06
CA ALA B 40 6.89 -2.15 -31.82
C ALA B 40 8.03 -3.13 -32.01
N SER B 41 8.91 -3.22 -31.03
CA SER B 41 10.10 -4.08 -31.13
C SER B 41 9.75 -5.55 -31.29
N GLN B 42 8.57 -5.94 -30.83
CA GLN B 42 8.01 -7.26 -31.13
C GLN B 42 6.49 -7.17 -31.11
N SER B 43 5.82 -8.21 -31.54
CA SER B 43 4.38 -8.11 -31.73
C SER B 43 3.64 -7.77 -30.44
N VAL B 44 2.74 -6.79 -30.53
CA VAL B 44 1.84 -6.51 -29.43
C VAL B 44 0.40 -6.82 -29.85
N ARG B 45 0.27 -7.68 -30.85
CA ARG B 45 -1.02 -8.02 -31.43
C ARG B 45 -1.80 -6.74 -31.73
N SER B 46 -2.99 -6.58 -31.15
CA SER B 46 -3.72 -5.35 -31.41
C SER B 46 -3.74 -4.46 -30.19
N TYR B 47 -2.91 -4.76 -29.20
CA TYR B 47 -3.01 -4.06 -27.92
C TYR B 47 -2.16 -2.81 -27.91
N LEU B 48 -2.67 -1.80 -28.62
CA LEU B 48 -1.96 -0.56 -28.88
C LEU B 48 -2.96 0.58 -28.78
N ALA B 49 -2.61 1.59 -27.99
CA ALA B 49 -3.43 2.79 -27.87
C ALA B 49 -2.70 4.02 -28.43
N TRP B 50 -3.46 5.02 -28.85
CA TRP B 50 -2.93 6.31 -29.31
C TRP B 50 -3.50 7.42 -28.48
N TYR B 51 -2.65 8.38 -28.12
CA TYR B 51 -3.03 9.55 -27.35
C TYR B 51 -2.63 10.81 -28.08
N GLN B 52 -3.42 11.85 -27.91
CA GLN B 52 -3.06 13.19 -28.36
C GLN B 52 -2.80 14.06 -27.15
N GLN B 53 -1.72 14.81 -27.17
CA GLN B 53 -1.51 15.78 -26.11
C GLN B 53 -1.25 17.14 -26.70
N LYS B 54 -2.21 18.02 -26.51
CA LYS B 54 -2.09 19.37 -27.01
C LYS B 54 -1.24 20.17 -26.04
N PRO B 55 -0.58 21.23 -26.54
CA PRO B 55 0.21 22.08 -25.65
C PRO B 55 -0.64 22.55 -24.49
N GLY B 56 -0.13 22.40 -23.28
CA GLY B 56 -0.81 22.90 -22.09
C GLY B 56 -2.04 22.09 -21.70
N GLN B 57 -2.04 20.82 -22.05
CA GLN B 57 -3.16 19.95 -21.72
C GLN B 57 -2.70 18.53 -21.38
N ALA B 58 -3.59 17.76 -20.77
CA ALA B 58 -3.30 16.38 -20.42
C ALA B 58 -3.53 15.50 -21.65
N PRO B 59 -2.93 14.30 -21.65
CA PRO B 59 -3.20 13.40 -22.77
C PRO B 59 -4.69 13.09 -22.89
N ARG B 60 -5.08 12.72 -24.10
CA ARG B 60 -6.47 12.43 -24.47
C ARG B 60 -6.40 11.12 -25.25
N LEU B 61 -7.21 10.14 -24.87
CA LEU B 61 -7.22 8.87 -25.60
C LEU B 61 -7.90 9.05 -26.96
N LEU B 62 -7.27 8.52 -28.01
CA LEU B 62 -7.84 8.56 -29.36
C LEU B 62 -8.34 7.19 -29.78
N PHE B 63 -7.46 6.19 -29.66
CA PHE B 63 -7.79 4.83 -30.06
C PHE B 63 -7.28 3.83 -29.04
N SER B 64 -8.02 2.74 -28.87
CA SER B 64 -7.50 1.59 -28.19
C SER B 64 -7.71 0.37 -29.08
N ASP B 65 -7.07 -0.74 -28.74
CA ASP B 65 -7.10 -1.94 -29.57
CA ASP B 65 -7.10 -1.93 -29.56
C ASP B 65 -6.74 -1.57 -31.00
N ALA B 66 -5.81 -0.65 -31.15
CA ALA B 66 -5.29 -0.20 -32.44
C ALA B 66 -6.25 0.64 -33.29
N SER B 67 -7.52 0.25 -33.36
CA SER B 67 -8.46 0.88 -34.28
CA SER B 67 -8.45 0.89 -34.29
C SER B 67 -9.74 1.38 -33.64
N ASN B 68 -9.98 1.04 -32.38
CA ASN B 68 -11.21 1.43 -31.74
CA ASN B 68 -11.22 1.43 -31.73
C ASN B 68 -11.24 2.87 -31.25
N ARG B 69 -12.10 3.66 -31.89
CA ARG B 69 -12.24 5.09 -31.65
C ARG B 69 -12.77 5.36 -30.24
N ALA B 70 -12.08 6.23 -29.49
CA ALA B 70 -12.58 6.67 -28.20
C ALA B 70 -13.72 7.65 -28.44
N THR B 71 -14.53 7.90 -27.41
CA THR B 71 -15.72 8.73 -27.62
C THR B 71 -15.35 10.18 -27.90
N GLY B 72 -16.02 10.79 -28.87
CA GLY B 72 -15.79 12.17 -29.20
C GLY B 72 -14.57 12.42 -30.10
N ILE B 73 -14.00 11.34 -30.63
CA ILE B 73 -12.90 11.49 -31.57
C ILE B 73 -13.46 11.59 -33.00
N PRO B 74 -13.15 12.68 -33.70
CA PRO B 74 -13.70 12.96 -35.03
C PRO B 74 -13.33 11.89 -36.06
N ALA B 75 -14.22 11.67 -37.01
CA ALA B 75 -14.05 10.65 -38.04
C ALA B 75 -12.75 10.78 -38.81
N ARG B 76 -12.23 12.00 -38.91
CA ARG B 76 -11.03 12.24 -39.69
C ARG B 76 -9.82 11.52 -39.12
N PHE B 77 -9.93 11.06 -37.87
CA PHE B 77 -8.90 10.25 -37.23
C PHE B 77 -9.20 8.77 -37.42
N THR B 78 -8.22 8.00 -37.86
CA THR B 78 -8.34 6.54 -37.89
C THR B 78 -7.05 5.87 -37.45
N GLY B 79 -7.17 4.80 -36.68
CA GLY B 79 -6.01 4.00 -36.31
C GLY B 79 -6.05 2.65 -37.02
N SER B 80 -4.88 2.13 -37.37
CA SER B 80 -4.83 0.82 -37.97
C SER B 80 -3.51 0.11 -37.70
N GLY B 81 -3.45 -1.16 -38.11
CA GLY B 81 -2.27 -1.98 -37.92
C GLY B 81 -2.47 -3.06 -36.88
N SER B 82 -1.56 -4.01 -36.82
CA SER B 82 -1.53 -5.06 -35.81
C SER B 82 -0.15 -5.68 -35.81
N GLY B 83 0.20 -6.38 -34.75
CA GLY B 83 1.51 -7.00 -34.67
C GLY B 83 2.55 -5.97 -34.27
N THR B 84 3.40 -5.57 -35.21
CA THR B 84 4.47 -4.62 -34.89
C THR B 84 4.37 -3.27 -35.58
N ASP B 85 3.48 -3.14 -36.56
CA ASP B 85 3.44 -1.90 -37.32
C ASP B 85 2.07 -1.25 -37.30
N PHE B 86 2.02 -0.05 -36.72
CA PHE B 86 0.77 0.64 -36.50
C PHE B 86 0.85 2.02 -37.11
N THR B 87 -0.28 2.57 -37.50
CA THR B 87 -0.30 3.93 -38.00
C THR B 87 -1.51 4.66 -37.47
N LEU B 88 -1.32 5.96 -37.26
CA LEU B 88 -2.43 6.85 -36.97
C LEU B 88 -2.54 7.77 -38.17
N THR B 89 -3.73 7.86 -38.74
CA THR B 89 -3.93 8.70 -39.92
C THR B 89 -4.92 9.81 -39.61
N ILE B 90 -4.55 11.04 -39.94
CA ILE B 90 -5.50 12.15 -39.90
C ILE B 90 -5.75 12.60 -41.34
N SER B 91 -6.98 12.37 -41.82
CA SER B 91 -7.27 12.53 -43.25
C SER B 91 -7.15 13.97 -43.76
N SER B 92 -7.60 14.92 -42.95
CA SER B 92 -7.55 16.34 -43.32
C SER B 92 -7.37 17.21 -42.08
N LEU B 93 -6.13 17.64 -41.86
CA LEU B 93 -5.75 18.33 -40.63
C LEU B 93 -6.54 19.60 -40.35
N GLU B 94 -7.14 19.65 -39.17
CA GLU B 94 -7.67 20.90 -38.63
C GLU B 94 -6.56 21.53 -37.80
N PRO B 95 -6.69 22.83 -37.50
CA PRO B 95 -5.63 23.51 -36.75
C PRO B 95 -5.41 22.89 -35.36
N GLU B 96 -6.49 22.46 -34.71
CA GLU B 96 -6.37 21.89 -33.37
C GLU B 96 -5.71 20.52 -33.37
N ASP B 97 -5.53 19.95 -34.56
CA ASP B 97 -4.86 18.67 -34.70
C ASP B 97 -3.37 18.78 -34.50
N PHE B 98 -2.84 20.00 -34.49
CA PHE B 98 -1.42 20.16 -34.33
C PHE B 98 -1.04 19.98 -32.86
N ALA B 99 -0.45 18.83 -32.57
CA ALA B 99 -0.20 18.40 -31.19
C ALA B 99 0.87 17.33 -31.21
N ILE B 100 1.19 16.79 -30.03
CA ILE B 100 2.04 15.62 -29.96
C ILE B 100 1.15 14.37 -29.85
N TYR B 101 1.58 13.28 -30.47
CA TYR B 101 0.80 12.03 -30.45
C TYR B 101 1.67 10.89 -29.94
N TYR B 102 1.16 10.15 -28.95
CA TYR B 102 1.89 9.01 -28.41
C TYR B 102 1.15 7.71 -28.66
N CYS B 103 1.91 6.67 -28.97
CA CYS B 103 1.38 5.31 -28.96
C CYS B 103 1.74 4.66 -27.62
N GLN B 104 1.04 3.58 -27.28
CA GLN B 104 1.24 2.90 -26.00
C GLN B 104 0.81 1.46 -26.17
N GLN B 105 1.69 0.52 -25.83
CA GLN B 105 1.32 -0.89 -25.89
C GLN B 105 0.84 -1.43 -24.55
N TYR B 106 -0.05 -2.41 -24.59
CA TYR B 106 -0.49 -3.09 -23.38
C TYR B 106 -0.67 -4.59 -23.58
N ARG B 107 0.20 -5.18 -24.39
CA ARG B 107 0.26 -6.63 -24.41
C ARG B 107 1.15 -7.10 -23.28
N TYR B 108 2.16 -6.31 -22.94
CA TYR B 108 3.14 -6.72 -21.94
C TYR B 108 3.36 -5.70 -20.82
N SER B 109 3.88 -6.18 -19.71
CA SER B 109 4.37 -5.30 -18.65
C SER B 109 5.88 -5.25 -18.70
N PRO B 110 6.44 -4.07 -18.43
CA PRO B 110 5.71 -2.84 -18.12
C PRO B 110 5.04 -2.25 -19.37
N ARG B 111 3.94 -1.55 -19.18
CA ARG B 111 3.34 -0.85 -20.30
C ARG B 111 4.26 0.30 -20.70
N THR B 112 4.46 0.46 -22.00
CA THR B 112 5.43 1.43 -22.51
C THR B 112 4.80 2.36 -23.53
N PHE B 113 5.40 3.54 -23.67
CA PHE B 113 4.93 4.54 -24.62
C PHE B 113 6.00 4.77 -25.67
N GLY B 114 5.59 5.27 -26.83
CA GLY B 114 6.53 5.78 -27.81
C GLY B 114 7.00 7.16 -27.35
N GLN B 115 8.04 7.67 -28.00
CA GLN B 115 8.60 8.98 -27.64
C GLN B 115 7.77 10.13 -28.17
N GLY B 116 6.78 9.83 -28.99
CA GLY B 116 5.87 10.85 -29.48
C GLY B 116 6.26 11.38 -30.85
N THR B 117 5.25 11.78 -31.61
CA THR B 117 5.45 12.48 -32.88
C THR B 117 4.78 13.83 -32.77
N LYS B 118 5.54 14.90 -32.97
CA LYS B 118 4.93 16.21 -33.02
C LYS B 118 4.46 16.53 -34.43
N VAL B 119 3.18 16.85 -34.55
CA VAL B 119 2.60 17.28 -35.82
C VAL B 119 2.49 18.79 -35.77
N GLU B 120 3.29 19.47 -36.58
CA GLU B 120 3.32 20.92 -36.55
C GLU B 120 3.08 21.54 -37.93
N ILE B 121 2.73 22.83 -37.92
CA ILE B 121 2.49 23.60 -39.13
C ILE B 121 3.62 23.55 -40.15
N LYS B 122 3.27 23.60 -41.42
CA LYS B 122 4.24 23.83 -42.48
C LYS B 122 4.03 25.24 -43.00
N LYS C 1 -15.54 -23.55 -22.21
CA LYS C 1 -15.60 -22.29 -22.94
C LYS C 1 -14.68 -21.30 -22.24
N GLU C 2 -14.15 -20.34 -22.98
CA GLU C 2 -13.32 -19.28 -22.40
C GLU C 2 -13.80 -17.93 -22.91
N GLY C 3 -13.55 -16.87 -22.15
CA GLY C 3 -13.90 -15.54 -22.62
C GLY C 3 -13.63 -14.48 -21.58
N TYR C 4 -13.61 -13.22 -22.00
CA TYR C 4 -13.41 -12.13 -21.07
C TYR C 4 -14.56 -12.07 -20.09
N LEU C 5 -14.22 -11.95 -18.81
CA LEU C 5 -15.21 -11.61 -17.81
C LEU C 5 -15.92 -10.33 -18.20
N VAL C 6 -17.22 -10.25 -17.94
CA VAL C 6 -17.97 -9.06 -18.28
C VAL C 6 -18.92 -8.67 -17.15
N ASP C 7 -19.03 -7.37 -16.92
CA ASP C 7 -19.95 -6.82 -15.94
C ASP C 7 -21.35 -6.90 -16.54
N LYS C 8 -22.23 -7.68 -15.93
CA LYS C 8 -23.53 -7.94 -16.53
C LYS C 8 -24.41 -6.70 -16.56
N ASN C 9 -24.04 -5.67 -15.81
CA ASN C 9 -24.81 -4.43 -15.81
C ASN C 9 -24.31 -3.37 -16.80
N THR C 10 -22.99 -3.28 -16.96
CA THR C 10 -22.41 -2.20 -17.76
C THR C 10 -21.85 -2.67 -19.08
N GLY C 11 -21.64 -3.98 -19.21
CA GLY C 11 -21.09 -4.53 -20.43
C GLY C 11 -19.58 -4.40 -20.50
N CYS C 12 -18.97 -3.89 -19.43
CA CYS C 12 -17.52 -3.67 -19.45
C CYS C 12 -16.70 -4.89 -19.07
N LYS C 13 -15.48 -4.97 -19.59
CA LYS C 13 -14.56 -5.99 -19.16
C LYS C 13 -14.12 -5.62 -17.74
N TYR C 14 -13.50 -6.57 -17.04
CA TYR C 14 -12.90 -6.30 -15.74
C TYR C 14 -11.42 -6.11 -15.92
N GLU C 15 -10.91 -4.96 -15.49
CA GLU C 15 -9.50 -4.64 -15.66
C GLU C 15 -8.68 -5.24 -14.52
N CYS C 16 -7.50 -5.77 -14.85
CA CYS C 16 -6.58 -6.29 -13.85
C CYS C 16 -5.23 -5.61 -14.04
N LEU C 17 -4.35 -5.77 -13.07
CA LEU C 17 -3.07 -5.07 -13.05
C LEU C 17 -1.89 -6.00 -13.35
N LYS C 18 -1.92 -7.21 -12.81
CA LYS C 18 -0.79 -8.11 -12.94
C LYS C 18 -1.06 -9.19 -13.98
N LEU C 19 -0.32 -9.11 -15.09
CA LEU C 19 -0.46 -10.05 -16.20
C LEU C 19 -0.16 -11.48 -15.81
N GLY C 20 -0.94 -12.41 -16.36
CA GLY C 20 -0.71 -13.82 -16.15
C GLY C 20 -1.51 -14.36 -14.98
N ASP C 21 -0.93 -15.30 -14.25
CA ASP C 21 -1.55 -15.81 -13.04
C ASP C 21 -2.04 -14.65 -12.19
N ASN C 22 -3.32 -14.68 -11.84
CA ASN C 22 -3.91 -13.53 -11.19
C ASN C 22 -5.11 -13.94 -10.33
N ASP C 23 -4.95 -13.84 -9.01
CA ASP C 23 -5.99 -14.32 -8.11
C ASP C 23 -7.23 -13.44 -8.15
N TYR C 24 -7.04 -12.18 -8.52
CA TYR C 24 -8.18 -11.29 -8.68
C TYR C 24 -9.10 -11.83 -9.80
N CYS C 25 -8.53 -12.07 -10.98
CA CYS C 25 -9.30 -12.62 -12.09
C CYS C 25 -9.91 -13.98 -11.76
N LEU C 26 -9.10 -14.85 -11.16
CA LEU C 26 -9.58 -16.14 -10.70
C LEU C 26 -10.84 -16.01 -9.86
N ARG C 27 -10.78 -15.20 -8.81
CA ARG C 27 -11.93 -15.10 -7.91
CA ARG C 27 -11.83 -15.11 -7.88
C ARG C 27 -13.11 -14.39 -8.55
N GLU C 28 -12.86 -13.38 -9.37
CA GLU C 28 -13.96 -12.70 -10.03
C GLU C 28 -14.66 -13.63 -11.03
N CYS C 29 -13.87 -14.41 -11.77
CA CYS C 29 -14.41 -15.37 -12.71
C CYS C 29 -15.26 -16.42 -11.98
N LYS C 30 -14.76 -16.92 -10.86
CA LYS C 30 -15.52 -17.89 -10.07
C LYS C 30 -16.79 -17.28 -9.50
N GLN C 31 -16.69 -16.04 -9.04
CA GLN C 31 -17.83 -15.34 -8.46
C GLN C 31 -18.94 -15.20 -9.49
N GLN C 32 -18.55 -15.04 -10.74
CA GLN C 32 -19.52 -14.85 -11.82
C GLN C 32 -20.06 -16.16 -12.39
N TYR C 33 -19.17 -17.10 -12.67
CA TYR C 33 -19.54 -18.27 -13.45
C TYR C 33 -19.58 -19.57 -12.65
N GLY C 34 -19.12 -19.51 -11.41
CA GLY C 34 -19.17 -20.66 -10.54
C GLY C 34 -17.82 -21.23 -10.15
N LYS C 35 -17.84 -22.08 -9.13
CA LYS C 35 -16.62 -22.57 -8.50
C LYS C 35 -15.66 -23.31 -9.43
N GLY C 36 -16.17 -23.81 -10.55
CA GLY C 36 -15.35 -24.56 -11.49
C GLY C 36 -14.55 -23.68 -12.45
N ALA C 37 -14.89 -22.40 -12.51
CA ALA C 37 -14.23 -21.48 -13.45
C ALA C 37 -12.77 -21.25 -13.11
N GLY C 38 -11.98 -20.99 -14.15
CA GLY C 38 -10.62 -20.51 -13.98
C GLY C 38 -10.56 -19.08 -14.48
N GLY C 39 -9.41 -18.45 -14.35
CA GLY C 39 -9.27 -17.10 -14.84
C GLY C 39 -7.89 -16.55 -14.61
N TYR C 40 -7.45 -15.71 -15.54
CA TYR C 40 -6.17 -15.05 -15.43
C TYR C 40 -6.19 -13.72 -16.14
N CYS C 41 -5.12 -12.96 -16.01
CA CYS C 41 -5.09 -11.59 -16.50
C CYS C 41 -4.41 -11.59 -17.86
N TYR C 42 -5.12 -11.13 -18.89
CA TYR C 42 -4.62 -11.12 -20.27
C TYR C 42 -4.80 -9.72 -20.86
N ALA C 43 -3.71 -9.11 -21.31
CA ALA C 43 -3.77 -7.75 -21.82
C ALA C 43 -4.51 -6.81 -20.85
N PHE C 44 -4.34 -7.09 -19.56
CA PHE C 44 -4.89 -6.25 -18.50
C PHE C 44 -6.41 -6.35 -18.37
N ALA C 45 -6.96 -7.43 -18.91
CA ALA C 45 -8.35 -7.80 -18.67
C ALA C 45 -8.44 -9.21 -18.13
N CYS C 46 -9.49 -9.47 -17.36
CA CYS C 46 -9.73 -10.81 -16.83
C CYS C 46 -10.30 -11.74 -17.89
N TRP C 47 -9.56 -12.80 -18.18
CA TRP C 47 -9.96 -13.82 -19.13
C TRP C 47 -10.33 -15.08 -18.35
N CYS C 48 -11.59 -15.47 -18.42
CA CYS C 48 -12.08 -16.64 -17.68
C CYS C 48 -11.97 -17.92 -18.51
N THR C 49 -11.78 -19.04 -17.82
CA THR C 49 -11.62 -20.32 -18.47
C THR C 49 -12.49 -21.39 -17.80
N HIS C 50 -12.57 -22.55 -18.43
CA HIS C 50 -13.36 -23.67 -17.89
C HIS C 50 -14.80 -23.27 -17.62
N LEU C 51 -15.37 -22.43 -18.48
CA LEU C 51 -16.74 -22.00 -18.29
C LEU C 51 -17.69 -23.02 -18.92
N TYR C 52 -18.89 -23.13 -18.39
CA TYR C 52 -19.91 -23.92 -19.06
C TYR C 52 -20.22 -23.30 -20.44
N GLU C 53 -20.53 -24.16 -21.40
CA GLU C 53 -20.59 -23.72 -22.80
C GLU C 53 -21.57 -22.59 -23.05
N GLN C 54 -22.61 -22.51 -22.20
CA GLN C 54 -23.67 -21.53 -22.38
C GLN C 54 -23.35 -20.19 -21.69
N ALA C 55 -22.18 -20.11 -21.06
CA ALA C 55 -21.84 -18.93 -20.27
C ALA C 55 -21.82 -17.67 -21.13
N ILE C 56 -22.33 -16.57 -20.59
CA ILE C 56 -22.30 -15.29 -21.29
C ILE C 56 -21.01 -14.54 -20.98
N VAL C 57 -20.18 -14.31 -22.00
CA VAL C 57 -18.93 -13.60 -21.80
C VAL C 57 -18.93 -12.32 -22.61
N TRP C 58 -17.89 -11.52 -22.49
CA TRP C 58 -17.82 -10.27 -23.25
C TRP C 58 -17.78 -10.64 -24.73
N PRO C 59 -18.46 -9.84 -25.59
CA PRO C 59 -19.28 -8.70 -25.20
C PRO C 59 -20.74 -9.08 -24.99
N LEU C 60 -21.46 -8.27 -24.22
CA LEU C 60 -22.90 -8.46 -24.01
C LEU C 60 -23.66 -8.05 -25.28
N PRO C 61 -24.57 -8.90 -25.75
CA PRO C 61 -25.39 -8.59 -26.92
C PRO C 61 -26.10 -7.25 -26.78
N ASN C 62 -26.76 -7.06 -25.64
CA ASN C 62 -27.60 -5.89 -25.43
C ASN C 62 -26.84 -4.61 -25.10
N LYS C 63 -25.82 -4.73 -24.27
CA LYS C 63 -25.20 -3.57 -23.65
C LYS C 63 -23.73 -3.37 -24.06
N ARG C 64 -23.46 -2.24 -24.70
CA ARG C 64 -22.10 -1.85 -25.07
C ARG C 64 -21.44 -1.17 -23.86
N CYS C 65 -20.12 -1.28 -23.76
CA CYS C 65 -19.38 -0.56 -22.73
C CYS C 65 -18.92 0.80 -23.28
N GLU D 1 -11.63 6.02 27.41
CA GLU D 1 -10.66 4.94 27.49
C GLU D 1 -10.19 4.52 26.09
N VAL D 2 -8.88 4.46 25.92
CA VAL D 2 -8.30 4.08 24.63
C VAL D 2 -8.86 2.75 24.15
N GLN D 3 -9.50 2.77 22.98
CA GLN D 3 -10.08 1.58 22.40
C GLN D 3 -9.88 1.46 20.90
N LEU D 4 -9.79 0.22 20.44
CA LEU D 4 -9.58 -0.11 19.04
C LEU D 4 -10.59 -1.17 18.66
N VAL D 5 -11.27 -0.98 17.54
CA VAL D 5 -12.30 -1.94 17.11
C VAL D 5 -12.06 -2.38 15.68
N GLU D 6 -11.78 -3.67 15.49
CA GLU D 6 -11.53 -4.24 14.17
C GLU D 6 -12.81 -4.69 13.50
N SER D 7 -12.83 -4.62 12.18
CA SER D 7 -13.93 -5.19 11.42
C SER D 7 -13.43 -5.65 10.06
N GLY D 8 -14.29 -6.34 9.32
CA GLY D 8 -13.99 -6.75 7.96
C GLY D 8 -13.46 -8.15 7.81
N GLY D 9 -13.36 -8.90 8.91
CA GLY D 9 -12.88 -10.26 8.87
C GLY D 9 -13.94 -11.18 8.28
N GLY D 10 -13.60 -12.45 8.14
CA GLY D 10 -14.56 -13.41 7.61
C GLY D 10 -13.91 -14.60 6.95
N LEU D 11 -14.71 -15.32 6.17
CA LEU D 11 -14.24 -16.52 5.50
C LEU D 11 -14.11 -16.26 4.01
N VAL D 12 -12.99 -16.67 3.42
CA VAL D 12 -12.80 -16.59 1.98
C VAL D 12 -12.06 -17.81 1.51
N GLN D 13 -12.13 -18.11 0.23
CA GLN D 13 -11.32 -19.18 -0.33
C GLN D 13 -9.90 -18.70 -0.58
N PRO D 14 -8.95 -19.63 -0.68
CA PRO D 14 -7.60 -19.26 -1.10
C PRO D 14 -7.69 -18.45 -2.40
N GLY D 15 -6.84 -17.44 -2.51
CA GLY D 15 -6.87 -16.54 -3.64
C GLY D 15 -7.81 -15.37 -3.41
N GLY D 16 -8.64 -15.45 -2.37
CA GLY D 16 -9.63 -14.43 -2.12
C GLY D 16 -9.03 -13.16 -1.54
N SER D 17 -9.89 -12.22 -1.19
CA SER D 17 -9.47 -10.91 -0.68
CA SER D 17 -9.48 -10.92 -0.69
C SER D 17 -10.36 -10.48 0.47
N LEU D 18 -9.79 -9.76 1.42
CA LEU D 18 -10.55 -9.14 2.49
C LEU D 18 -9.99 -7.77 2.78
N ARG D 19 -10.84 -6.87 3.28
CA ARG D 19 -10.34 -5.58 3.75
C ARG D 19 -10.66 -5.41 5.23
N LEU D 20 -9.62 -5.37 6.05
CA LEU D 20 -9.78 -5.15 7.48
C LEU D 20 -9.76 -3.66 7.75
N SER D 21 -10.53 -3.24 8.74
CA SER D 21 -10.55 -1.86 9.16
C SER D 21 -10.44 -1.82 10.68
N CYS D 22 -9.85 -0.76 11.19
CA CYS D 22 -9.74 -0.55 12.64
C CYS D 22 -10.07 0.89 12.94
N THR D 23 -11.01 1.08 13.87
CA THR D 23 -11.39 2.41 14.30
C THR D 23 -10.90 2.63 15.71
N GLY D 24 -10.26 3.75 15.94
CA GLY D 24 -9.76 4.07 17.26
C GLY D 24 -10.58 5.16 17.90
N SER D 25 -10.75 5.07 19.21
CA SER D 25 -11.44 6.09 19.99
C SER D 25 -10.70 6.24 21.31
N GLY D 26 -10.82 7.40 21.94
CA GLY D 26 -10.27 7.62 23.26
C GLY D 26 -8.81 8.05 23.29
N PHE D 27 -8.26 8.39 22.12
CA PHE D 27 -6.90 8.90 22.04
C PHE D 27 -6.77 9.66 20.72
N THR D 28 -5.70 10.43 20.58
CA THR D 28 -5.49 11.18 19.35
C THR D 28 -4.87 10.26 18.31
N PHE D 29 -5.75 9.67 17.50
CA PHE D 29 -5.38 8.64 16.53
C PHE D 29 -4.17 9.03 15.68
N ASP D 30 -4.17 10.26 15.16
CA ASP D 30 -3.11 10.65 14.22
C ASP D 30 -1.74 10.89 14.85
N ASN D 31 -1.65 10.81 16.18
CA ASN D 31 -0.37 10.94 16.87
C ASN D 31 0.38 9.62 17.06
N TYR D 32 -0.19 8.52 16.61
CA TYR D 32 0.44 7.22 16.83
C TYR D 32 0.67 6.40 15.58
N ALA D 33 1.77 5.66 15.58
CA ALA D 33 1.94 4.56 14.64
C ALA D 33 0.89 3.51 14.97
N MET D 34 0.39 2.82 13.94
CA MET D 34 -0.65 1.81 14.11
C MET D 34 -0.23 0.54 13.42
N HIS D 35 -0.68 -0.60 13.95
CA HIS D 35 -0.20 -1.89 13.46
C HIS D 35 -1.30 -2.92 13.34
N TRP D 36 -1.03 -3.92 12.51
CA TRP D 36 -1.82 -5.16 12.45
C TRP D 36 -0.92 -6.28 12.89
N LEU D 37 -1.46 -7.15 13.75
CA LEU D 37 -0.74 -8.35 14.12
C LEU D 37 -1.75 -9.49 14.01
N ARG D 38 -1.28 -10.73 14.12
CA ARG D 38 -2.22 -11.84 14.04
C ARG D 38 -1.82 -12.99 14.94
N GLN D 39 -2.80 -13.86 15.20
CA GLN D 39 -2.60 -14.96 16.14
C GLN D 39 -3.47 -16.12 15.69
N VAL D 40 -2.83 -17.18 15.22
CA VAL D 40 -3.55 -18.41 14.92
C VAL D 40 -4.11 -18.92 16.25
N PRO D 41 -5.39 -19.29 16.27
CA PRO D 41 -6.01 -19.78 17.50
C PRO D 41 -5.14 -20.88 18.13
N GLY D 42 -4.89 -20.73 19.43
CA GLY D 42 -4.06 -21.65 20.17
C GLY D 42 -2.56 -21.45 19.97
N GLU D 43 -2.16 -20.43 19.21
CA GLU D 43 -0.74 -20.24 18.92
C GLU D 43 -0.22 -18.84 19.32
N GLY D 44 0.99 -18.52 18.91
CA GLY D 44 1.63 -17.28 19.33
C GLY D 44 1.31 -16.06 18.49
N LEU D 45 2.02 -14.96 18.74
CA LEU D 45 1.76 -13.68 18.07
C LEU D 45 2.72 -13.41 16.92
N GLU D 46 2.21 -12.73 15.88
CA GLU D 46 3.03 -12.39 14.72
C GLU D 46 2.67 -10.98 14.25
N TRP D 47 3.66 -10.11 14.17
CA TRP D 47 3.43 -8.77 13.62
C TRP D 47 3.20 -8.89 12.11
N VAL D 48 2.26 -8.13 11.57
CA VAL D 48 1.93 -8.24 10.15
C VAL D 48 2.30 -7.00 9.35
N SER D 49 1.96 -5.84 9.85
CA SER D 49 2.18 -4.61 9.09
C SER D 49 2.02 -3.42 10.02
N GLY D 50 2.61 -2.30 9.64
CA GLY D 50 2.47 -1.12 10.47
C GLY D 50 2.69 0.14 9.67
N ILE D 51 2.24 1.24 10.22
CA ILE D 51 2.29 2.53 9.52
C ILE D 51 2.50 3.68 10.53
N SER D 52 3.49 4.52 10.27
CA SER D 52 3.82 5.61 11.18
C SER D 52 2.80 6.76 11.15
N ARG D 53 2.99 7.73 12.06
CA ARG D 53 2.29 9.01 11.93
C ARG D 53 2.52 9.54 10.51
N SER D 54 1.48 10.16 9.97
CA SER D 54 1.56 10.81 8.66
CA SER D 54 1.50 10.80 8.65
C SER D 54 1.76 9.82 7.51
N SER D 55 1.68 8.52 7.81
CA SER D 55 1.90 7.48 6.81
C SER D 55 3.28 7.58 6.19
N GLY D 56 4.21 8.19 6.93
CA GLY D 56 5.52 8.47 6.40
C GLY D 56 6.45 7.28 6.33
N ASP D 57 6.12 6.21 7.06
CA ASP D 57 6.95 5.02 7.11
C ASP D 57 6.03 3.81 7.20
N ILE D 58 6.22 2.86 6.28
CA ILE D 58 5.28 1.74 6.13
C ILE D 58 6.05 0.45 5.96
N ASP D 59 5.63 -0.62 6.64
CA ASP D 59 6.37 -1.86 6.49
C ASP D 59 5.45 -3.06 6.63
N TYR D 60 5.96 -4.21 6.20
CA TYR D 60 5.18 -5.45 6.17
C TYR D 60 6.07 -6.61 6.56
N ALA D 61 5.49 -7.61 7.22
CA ALA D 61 6.17 -8.88 7.42
C ALA D 61 6.53 -9.48 6.05
N ASP D 62 7.65 -10.17 5.98
CA ASP D 62 8.10 -10.75 4.71
C ASP D 62 7.03 -11.66 4.09
N SER D 63 6.29 -12.38 4.94
CA SER D 63 5.29 -13.34 4.47
C SER D 63 4.05 -12.71 3.81
N VAL D 64 3.87 -11.40 3.96
CA VAL D 64 2.71 -10.75 3.36
C VAL D 64 3.07 -9.64 2.38
N LYS D 65 4.35 -9.40 2.17
CA LYS D 65 4.77 -8.35 1.24
C LYS D 65 4.27 -8.64 -0.16
N GLY D 66 3.76 -7.62 -0.81
CA GLY D 66 3.25 -7.76 -2.16
C GLY D 66 1.78 -8.18 -2.21
N ARG D 67 1.27 -8.67 -1.08
CA ARG D 67 -0.13 -9.11 -1.03
C ARG D 67 -1.03 -8.21 -0.19
N PHE D 68 -0.46 -7.66 0.88
CA PHE D 68 -1.21 -6.80 1.79
C PHE D 68 -0.81 -5.34 1.58
N THR D 69 -1.78 -4.44 1.73
CA THR D 69 -1.53 -3.01 1.63
C THR D 69 -2.16 -2.26 2.78
N ILE D 70 -1.35 -1.52 3.52
CA ILE D 70 -1.83 -0.85 4.69
C ILE D 70 -1.99 0.62 4.39
N SER D 71 -3.01 1.23 4.96
CA SER D 71 -3.21 2.66 4.80
C SER D 71 -3.96 3.18 6.01
N ARG D 72 -3.98 4.49 6.22
CA ARG D 72 -4.74 5.09 7.31
C ARG D 72 -5.45 6.34 6.81
N ASP D 73 -6.55 6.67 7.46
CA ASP D 73 -7.32 7.88 7.17
C ASP D 73 -7.51 8.58 8.50
N ASP D 74 -6.67 9.58 8.75
CA ASP D 74 -6.64 10.18 10.08
C ASP D 74 -7.92 10.92 10.42
N ALA D 75 -8.49 11.58 9.42
CA ALA D 75 -9.77 12.26 9.58
C ALA D 75 -10.85 11.30 10.10
N LYS D 76 -10.85 10.08 9.58
CA LYS D 76 -11.82 9.07 10.00
C LYS D 76 -11.34 8.29 11.21
N LYS D 77 -10.10 8.50 11.62
CA LYS D 77 -9.54 7.72 12.70
C LYS D 77 -9.59 6.25 12.36
N THR D 78 -9.26 5.90 11.12
CA THR D 78 -9.25 4.51 10.73
C THR D 78 -7.94 4.06 10.13
N LEU D 79 -7.66 2.79 10.33
CA LEU D 79 -6.54 2.10 9.75
C LEU D 79 -7.17 1.00 8.89
N SER D 80 -6.59 0.73 7.73
CA SER D 80 -7.11 -0.34 6.86
C SER D 80 -6.01 -1.30 6.46
N LEU D 81 -6.39 -2.54 6.15
CA LEU D 81 -5.45 -3.48 5.60
C LEU D 81 -6.15 -4.22 4.45
N GLN D 82 -5.76 -3.91 3.22
CA GLN D 82 -6.27 -4.67 2.07
C GLN D 82 -5.47 -5.96 1.93
N MET D 83 -6.13 -7.11 2.06
CA MET D 83 -5.43 -8.37 2.00
C MET D 83 -5.82 -9.11 0.74
N ASN D 84 -4.90 -9.19 -0.22
CA ASN D 84 -5.20 -9.87 -1.48
C ASN D 84 -4.45 -11.18 -1.58
N SER D 85 -4.85 -12.03 -2.52
CA SER D 85 -4.18 -13.32 -2.70
C SER D 85 -4.02 -14.09 -1.39
N LEU D 86 -5.10 -14.16 -0.64
CA LEU D 86 -5.03 -14.80 0.67
C LEU D 86 -4.71 -16.30 0.55
N ARG D 87 -3.98 -16.80 1.54
CA ARG D 87 -3.54 -18.19 1.57
C ARG D 87 -4.05 -18.83 2.84
N ALA D 88 -4.07 -20.16 2.86
CA ALA D 88 -4.54 -20.90 4.03
C ALA D 88 -3.80 -20.47 5.29
N GLU D 89 -2.49 -20.28 5.18
CA GLU D 89 -1.70 -19.94 6.34
C GLU D 89 -1.88 -18.50 6.82
N ASP D 90 -2.71 -17.73 6.12
CA ASP D 90 -3.11 -16.40 6.59
C ASP D 90 -4.23 -16.48 7.60
N THR D 91 -4.77 -17.68 7.80
CA THR D 91 -5.88 -17.85 8.72
C THR D 91 -5.40 -17.51 10.13
N ALA D 92 -6.16 -16.67 10.83
CA ALA D 92 -5.78 -16.19 12.16
C ALA D 92 -6.76 -15.16 12.65
N VAL D 93 -6.71 -14.87 13.96
CA VAL D 93 -7.35 -13.67 14.47
C VAL D 93 -6.42 -12.49 14.15
N TYR D 94 -6.97 -11.45 13.55
CA TYR D 94 -6.17 -10.25 13.26
C TYR D 94 -6.49 -9.16 14.26
N TYR D 95 -5.42 -8.64 14.88
CA TYR D 95 -5.53 -7.56 15.84
C TYR D 95 -5.01 -6.24 15.30
N CYS D 96 -5.76 -5.17 15.55
CA CYS D 96 -5.16 -3.86 15.35
CA CYS D 96 -5.26 -3.80 15.39
C CYS D 96 -4.56 -3.41 16.70
N ALA D 97 -3.42 -2.73 16.63
CA ALA D 97 -2.73 -2.35 17.85
C ALA D 97 -2.07 -1.00 17.71
N ARG D 98 -2.11 -0.22 18.79
CA ARG D 98 -1.42 1.06 18.81
C ARG D 98 0.06 0.84 19.09
N GLY D 99 0.91 1.53 18.33
CA GLY D 99 2.35 1.38 18.49
C GLY D 99 2.79 2.01 19.80
N GLY D 100 3.66 1.32 20.52
CA GLY D 100 4.21 1.84 21.76
C GLY D 100 5.71 2.02 21.62
N VAL D 101 6.13 2.44 20.43
CA VAL D 101 7.54 2.67 20.15
C VAL D 101 8.44 1.45 20.43
N GLY D 102 8.15 0.35 19.73
CA GLY D 102 8.90 -0.88 19.88
C GLY D 102 7.94 -1.96 20.28
N SER D 103 7.07 -1.64 21.22
CA SER D 103 6.09 -2.57 21.72
C SER D 103 4.75 -2.19 21.14
N PHE D 104 3.72 -2.94 21.52
CA PHE D 104 2.36 -2.68 21.06
C PHE D 104 1.51 -2.47 22.30
N ASP D 105 1.14 -1.21 22.55
CA ASP D 105 0.69 -0.85 23.89
C ASP D 105 -0.81 -0.96 24.13
N THR D 106 -1.56 -1.09 23.05
CA THR D 106 -3.02 -1.20 23.16
C THR D 106 -3.50 -2.08 22.01
N TRP D 107 -4.35 -3.06 22.32
CA TRP D 107 -4.79 -4.04 21.34
C TRP D 107 -6.32 -4.07 21.25
N GLY D 108 -6.84 -4.23 20.03
CA GLY D 108 -8.26 -4.43 19.86
C GLY D 108 -8.59 -5.86 20.27
N GLN D 109 -9.87 -6.24 20.20
CA GLN D 109 -10.27 -7.59 20.55
C GLN D 109 -10.03 -8.59 19.42
N GLY D 110 -9.74 -8.07 18.23
CA GLY D 110 -9.38 -8.90 17.10
C GLY D 110 -10.58 -9.31 16.27
N THR D 111 -10.31 -9.74 15.04
CA THR D 111 -11.36 -10.22 14.14
C THR D 111 -10.84 -11.46 13.41
N MET D 112 -11.68 -12.49 13.32
CA MET D 112 -11.23 -13.75 12.76
C MET D 112 -11.24 -13.73 11.24
N VAL D 113 -10.15 -14.21 10.66
CA VAL D 113 -10.00 -14.33 9.23
C VAL D 113 -9.74 -15.79 8.93
N THR D 114 -10.64 -16.41 8.17
CA THR D 114 -10.44 -17.81 7.78
C THR D 114 -10.34 -17.93 6.27
N VAL D 115 -9.28 -18.57 5.82
CA VAL D 115 -9.03 -18.79 4.41
C VAL D 115 -9.04 -20.30 4.17
N SER D 116 -10.05 -20.78 3.47
CA SER D 116 -10.12 -22.23 3.20
C SER D 116 -11.16 -22.53 2.15
N SER D 117 -11.01 -23.68 1.50
CA SER D 117 -11.94 -24.12 0.47
C SER D 117 -13.26 -24.59 1.07
N SER E 15 19.49 -13.93 10.65
CA SER E 15 18.44 -14.76 11.22
C SER E 15 17.85 -14.09 12.45
N GLU E 16 16.56 -14.33 12.69
CA GLU E 16 15.80 -13.67 13.73
C GLU E 16 16.36 -13.89 15.11
N ILE E 17 16.11 -12.94 16.00
CA ILE E 17 16.34 -13.14 17.41
C ILE E 17 15.37 -14.19 17.92
N VAL E 18 15.90 -15.23 18.53
CA VAL E 18 15.06 -16.23 19.18
C VAL E 18 14.91 -15.93 20.66
N LEU E 19 13.68 -15.85 21.12
CA LEU E 19 13.40 -15.66 22.53
C LEU E 19 12.93 -16.98 23.14
N THR E 20 13.70 -17.49 24.09
CA THR E 20 13.33 -18.72 24.74
C THR E 20 12.74 -18.46 26.11
N GLN E 21 11.45 -18.78 26.26
CA GLN E 21 10.76 -18.58 27.53
C GLN E 21 10.70 -19.89 28.30
N SER E 22 11.06 -19.84 29.57
CA SER E 22 11.01 -21.01 30.43
C SER E 22 10.52 -20.66 31.83
N PRO E 23 9.83 -21.59 32.48
CA PRO E 23 9.48 -22.87 31.86
C PRO E 23 8.32 -22.65 30.91
N ALA E 24 8.01 -23.63 30.07
CA ALA E 24 6.85 -23.54 29.18
C ALA E 24 5.58 -23.44 30.01
N THR E 25 5.57 -24.12 31.16
CA THR E 25 4.43 -24.05 32.06
C THR E 25 4.93 -23.91 33.49
N LEU E 26 4.24 -23.08 34.26
CA LEU E 26 4.65 -22.81 35.63
C LEU E 26 3.47 -23.05 36.57
N SER E 27 3.54 -24.14 37.33
CA SER E 27 2.47 -24.51 38.24
C SER E 27 2.70 -23.86 39.60
N VAL E 28 1.75 -23.03 40.01
CA VAL E 28 1.88 -22.25 41.23
C VAL E 28 0.52 -22.03 41.88
N SER E 29 0.51 -21.82 43.19
CA SER E 29 -0.74 -21.56 43.90
C SER E 29 -0.83 -20.09 44.26
N PRO E 30 -2.06 -19.59 44.48
CA PRO E 30 -2.28 -18.18 44.78
C PRO E 30 -1.47 -17.72 46.00
N GLY E 31 -1.04 -16.46 45.98
CA GLY E 31 -0.27 -15.89 47.07
C GLY E 31 1.20 -16.21 46.94
N GLU E 32 1.50 -17.18 46.09
CA GLU E 32 2.86 -17.64 45.84
C GLU E 32 3.55 -16.71 44.84
N ARG E 33 4.82 -16.96 44.59
CA ARG E 33 5.66 -16.08 43.77
C ARG E 33 6.04 -16.76 42.46
N ALA E 34 5.81 -16.05 41.36
CA ALA E 34 6.12 -16.58 40.03
C ALA E 34 7.29 -15.84 39.41
N THR E 35 8.24 -16.58 38.88
CA THR E 35 9.39 -16.00 38.20
C THR E 35 9.48 -16.60 36.81
N LEU E 36 9.22 -15.76 35.81
CA LEU E 36 9.25 -16.19 34.43
C LEU E 36 10.52 -15.71 33.75
N SER E 37 11.07 -16.56 32.91
CA SER E 37 12.34 -16.28 32.27
C SER E 37 12.19 -16.11 30.76
N CYS E 38 12.94 -15.16 30.20
CA CYS E 38 13.01 -14.95 28.76
C CYS E 38 14.47 -14.77 28.40
N ARG E 39 14.99 -15.66 27.56
CA ARG E 39 16.38 -15.54 27.12
C ARG E 39 16.44 -15.25 25.63
N ALA E 40 17.21 -14.24 25.26
CA ALA E 40 17.35 -13.88 23.86
C ALA E 40 18.62 -14.49 23.27
N SER E 41 18.52 -14.96 22.04
CA SER E 41 19.65 -15.61 21.38
C SER E 41 20.88 -14.72 21.27
N GLN E 42 20.66 -13.41 21.25
CA GLN E 42 21.76 -12.45 21.38
C GLN E 42 21.23 -11.19 22.05
N SER E 43 22.12 -10.25 22.38
CA SER E 43 21.68 -9.12 23.19
C SER E 43 20.62 -8.29 22.49
N VAL E 44 19.56 -7.97 23.21
CA VAL E 44 18.60 -6.97 22.73
C VAL E 44 18.60 -5.74 23.64
N ARG E 45 19.74 -5.52 24.31
CA ARG E 45 19.86 -4.42 25.27
C ARG E 45 18.69 -4.41 26.23
N SER E 46 17.95 -3.30 26.31
CA SER E 46 16.78 -3.31 27.19
C SER E 46 15.50 -3.34 26.37
N TYR E 47 15.60 -3.63 25.09
CA TYR E 47 14.44 -3.48 24.20
C TYR E 47 13.60 -4.75 24.19
N LEU E 48 12.88 -4.94 25.28
CA LEU E 48 12.14 -6.17 25.54
C LEU E 48 10.82 -5.80 26.22
N ALA E 49 9.73 -6.32 25.68
CA ALA E 49 8.41 -6.10 26.27
C ALA E 49 7.79 -7.41 26.77
N TRP E 50 6.89 -7.30 27.75
CA TRP E 50 6.15 -8.45 28.27
C TRP E 50 4.67 -8.21 28.09
N TYR E 51 3.93 -9.23 27.68
CA TYR E 51 2.49 -9.19 27.52
C TYR E 51 1.84 -10.28 28.35
N GLN E 52 0.63 -10.01 28.79
CA GLN E 52 -0.21 -11.01 29.42
C GLN E 52 -1.40 -11.27 28.51
N GLN E 53 -1.72 -12.53 28.30
CA GLN E 53 -2.94 -12.84 27.56
C GLN E 53 -3.79 -13.82 28.34
N LYS E 54 -4.91 -13.33 28.84
CA LYS E 54 -5.80 -14.16 29.60
C LYS E 54 -6.65 -14.97 28.63
N PRO E 55 -7.13 -16.14 29.08
CA PRO E 55 -8.00 -16.93 28.20
C PRO E 55 -9.15 -16.08 27.69
N GLY E 56 -9.38 -16.12 26.40
CA GLY E 56 -10.50 -15.42 25.79
C GLY E 56 -10.32 -13.92 25.73
N GLN E 57 -9.07 -13.47 25.68
CA GLN E 57 -8.78 -12.03 25.64
C GLN E 57 -7.59 -11.71 24.75
N ALA E 58 -7.46 -10.44 24.40
CA ALA E 58 -6.34 -9.99 23.58
C ALA E 58 -5.12 -9.75 24.48
N PRO E 59 -3.94 -9.76 23.90
CA PRO E 59 -2.76 -9.44 24.71
C PRO E 59 -2.88 -8.08 25.37
N ARG E 60 -2.18 -7.92 26.49
CA ARG E 60 -2.18 -6.71 27.29
C ARG E 60 -0.71 -6.41 27.58
N LEU E 61 -0.27 -5.19 27.30
CA LEU E 61 1.11 -4.82 27.57
C LEU E 61 1.33 -4.70 29.09
N LEU E 62 2.40 -5.32 29.58
CA LEU E 62 2.77 -5.24 30.99
C LEU E 62 3.97 -4.33 31.19
N PHE E 63 5.03 -4.60 30.45
CA PHE E 63 6.26 -3.81 30.56
C PHE E 63 6.84 -3.54 29.19
N SER E 64 7.53 -2.41 29.06
CA SER E 64 8.39 -2.18 27.91
C SER E 64 9.73 -1.71 28.43
N ASP E 65 10.73 -1.67 27.55
CA ASP E 65 12.10 -1.35 27.95
CA ASP E 65 12.09 -1.35 27.94
C ASP E 65 12.50 -2.21 29.13
N ALA E 66 12.03 -3.46 29.13
CA ALA E 66 12.35 -4.46 30.16
C ALA E 66 11.70 -4.24 31.53
N SER E 67 11.67 -3.00 32.01
CA SER E 67 11.26 -2.73 33.40
CA SER E 67 11.25 -2.73 33.38
C SER E 67 10.18 -1.66 33.54
N ASN E 68 9.85 -0.95 32.47
CA ASN E 68 8.87 0.13 32.54
CA ASN E 68 8.88 0.12 32.55
C ASN E 68 7.45 -0.40 32.49
N ARG E 69 6.72 -0.27 33.58
CA ARG E 69 5.39 -0.87 33.59
C ARG E 69 4.34 -0.02 32.86
N ALA E 70 3.45 -0.69 32.14
CA ALA E 70 2.37 -0.04 31.42
C ALA E 70 1.37 0.46 32.43
N THR E 71 0.48 1.35 32.00
CA THR E 71 -0.47 1.93 32.93
C THR E 71 -1.47 0.88 33.39
N GLY E 72 -1.80 0.92 34.68
CA GLY E 72 -2.79 0.03 35.24
C GLY E 72 -2.28 -1.35 35.60
N ILE E 73 -0.97 -1.54 35.50
CA ILE E 73 -0.37 -2.80 35.90
C ILE E 73 -0.02 -2.73 37.39
N PRO E 74 -0.54 -3.69 38.17
CA PRO E 74 -0.36 -3.72 39.63
C PRO E 74 1.11 -3.83 40.03
N ALA E 75 1.45 -3.20 41.16
CA ALA E 75 2.82 -3.17 41.65
C ALA E 75 3.40 -4.56 41.84
N ARG E 76 2.56 -5.56 42.04
CA ARG E 76 3.02 -6.91 42.29
C ARG E 76 3.77 -7.49 41.09
N PHE E 77 3.63 -6.85 39.93
CA PHE E 77 4.36 -7.23 38.73
C PHE E 77 5.64 -6.41 38.60
N THR E 78 6.77 -7.06 38.37
CA THR E 78 8.01 -6.34 38.04
C THR E 78 8.76 -7.02 36.91
N GLY E 79 9.32 -6.21 36.01
CA GLY E 79 10.18 -6.74 34.97
C GLY E 79 11.62 -6.35 35.22
N SER E 80 12.56 -7.23 34.87
CA SER E 80 13.97 -6.87 34.98
C SER E 80 14.84 -7.60 33.98
N GLY E 81 16.11 -7.20 33.95
CA GLY E 81 17.11 -7.80 33.09
C GLY E 81 17.53 -6.88 31.96
N SER E 82 18.60 -7.25 31.26
CA SER E 82 19.07 -6.54 30.08
C SER E 82 19.99 -7.46 29.31
N GLY E 83 20.22 -7.15 28.03
CA GLY E 83 21.11 -7.97 27.23
C GLY E 83 20.39 -9.22 26.73
N THR E 84 20.69 -10.38 27.32
CA THR E 84 20.08 -11.63 26.85
C THR E 84 19.16 -12.30 27.86
N ASP E 85 19.18 -11.86 29.11
CA ASP E 85 18.44 -12.58 30.13
C ASP E 85 17.47 -11.68 30.86
N PHE E 86 16.18 -11.99 30.73
CA PHE E 86 15.13 -11.18 31.28
C PHE E 86 14.23 -12.01 32.17
N THR E 87 13.60 -11.36 33.13
CA THR E 87 12.66 -12.05 33.99
C THR E 87 11.43 -11.22 34.24
N LEU E 88 10.29 -11.90 34.33
CA LEU E 88 9.08 -11.26 34.80
C LEU E 88 8.79 -11.90 36.13
N THR E 89 8.59 -11.08 37.16
CA THR E 89 8.32 -11.58 38.49
C THR E 89 6.95 -11.11 38.95
N ILE E 90 6.15 -12.06 39.43
CA ILE E 90 4.90 -11.72 40.11
C ILE E 90 5.05 -12.11 41.57
N SER E 91 5.10 -11.11 42.45
CA SER E 91 5.49 -11.33 43.85
C SER E 91 4.51 -12.19 44.62
N SER E 92 3.22 -11.95 44.43
CA SER E 92 2.16 -12.70 45.11
C SER E 92 0.96 -12.86 44.20
N LEU E 93 0.80 -14.06 43.64
CA LEU E 93 -0.20 -14.31 42.61
C LEU E 93 -1.65 -14.14 43.05
N GLU E 94 -2.38 -13.33 42.30
CA GLU E 94 -3.83 -13.26 42.42
C GLU E 94 -4.40 -14.24 41.40
N PRO E 95 -5.67 -14.64 41.57
CA PRO E 95 -6.24 -15.62 40.65
C PRO E 95 -6.24 -15.15 39.20
N GLU E 96 -6.41 -13.84 38.97
CA GLU E 96 -6.45 -13.33 37.61
C GLU E 96 -5.09 -13.36 36.93
N ASP E 97 -4.04 -13.56 37.72
CA ASP E 97 -2.69 -13.62 37.19
C ASP E 97 -2.43 -14.90 36.42
N PHE E 98 -3.34 -15.87 36.53
CA PHE E 98 -3.13 -17.12 35.83
C PHE E 98 -3.47 -16.98 34.35
N ALA E 99 -2.43 -16.86 33.53
CA ALA E 99 -2.57 -16.52 32.13
C ALA E 99 -1.34 -16.98 31.36
N ILE E 100 -1.30 -16.66 30.07
CA ILE E 100 -0.09 -16.87 29.30
C ILE E 100 0.68 -15.55 29.21
N TYR E 101 2.00 -15.62 29.29
CA TYR E 101 2.85 -14.42 29.25
C TYR E 101 3.86 -14.53 28.13
N TYR E 102 3.94 -13.50 27.28
CA TYR E 102 4.90 -13.50 26.18
C TYR E 102 5.89 -12.37 26.35
N CYS E 103 7.14 -12.63 26.00
CA CYS E 103 8.14 -11.58 25.86
C CYS E 103 8.22 -11.24 24.38
N GLN E 104 8.78 -10.06 24.07
CA GLN E 104 8.90 -9.61 22.69
C GLN E 104 10.07 -8.65 22.59
N GLN E 105 10.98 -8.90 21.67
CA GLN E 105 12.12 -8.00 21.48
C GLN E 105 11.84 -6.97 20.39
N TYR E 106 12.44 -5.79 20.53
CA TYR E 106 12.38 -4.79 19.49
C TYR E 106 13.69 -4.04 19.31
N ARG E 107 14.81 -4.75 19.50
CA ARG E 107 16.09 -4.20 19.10
C ARG E 107 16.28 -4.44 17.60
N TYR E 108 15.74 -5.54 17.09
CA TYR E 108 15.96 -5.91 15.71
C TYR E 108 14.68 -6.23 14.94
N SER E 109 14.78 -6.16 13.61
CA SER E 109 13.73 -6.65 12.72
C SER E 109 14.14 -8.01 12.16
N PRO E 110 13.18 -8.93 12.05
CA PRO E 110 11.78 -8.72 12.44
C PRO E 110 11.63 -8.76 13.95
N ARG E 111 10.63 -8.06 14.46
CA ARG E 111 10.32 -8.17 15.87
C ARG E 111 9.78 -9.57 16.14
N THR E 112 10.25 -10.17 17.22
CA THR E 112 9.90 -11.57 17.50
C THR E 112 9.34 -11.72 18.91
N PHE E 113 8.55 -12.78 19.10
CA PHE E 113 7.95 -13.07 20.39
C PHE E 113 8.52 -14.40 20.93
N GLY E 114 8.51 -14.57 22.24
CA GLY E 114 8.76 -15.87 22.83
C GLY E 114 7.53 -16.74 22.62
N GLN E 115 7.67 -18.04 22.87
CA GLN E 115 6.55 -18.97 22.67
C GLN E 115 5.54 -18.92 23.81
N GLY E 116 5.89 -18.19 24.87
CA GLY E 116 4.96 -17.97 25.96
C GLY E 116 5.17 -18.92 27.13
N THR E 117 4.84 -18.44 28.32
CA THR E 117 4.81 -19.26 29.52
C THR E 117 3.42 -19.21 30.13
N LYS E 118 2.80 -20.37 30.28
CA LYS E 118 1.51 -20.43 30.94
C LYS E 118 1.71 -20.56 32.45
N VAL E 119 1.09 -19.65 33.18
CA VAL E 119 1.08 -19.71 34.64
C VAL E 119 -0.23 -20.33 35.08
N GLU E 120 -0.12 -21.53 35.65
CA GLU E 120 -1.24 -22.42 35.89
C GLU E 120 -1.40 -22.65 37.40
N ILE E 121 -2.63 -22.80 37.88
CA ILE E 121 -2.85 -23.13 39.29
C ILE E 121 -2.19 -24.45 39.71
N LYS E 122 -1.66 -24.47 40.92
CA LYS E 122 -1.19 -25.73 41.51
C LYS E 122 -2.24 -26.24 42.48
N LYS F 1 25.06 17.27 19.08
CA LYS F 1 24.27 16.56 20.09
C LYS F 1 23.35 15.57 19.39
N GLU F 2 22.99 14.49 20.08
CA GLU F 2 22.06 13.50 19.52
C GLU F 2 20.98 13.20 20.55
N GLY F 3 19.86 12.66 20.10
CA GLY F 3 18.81 12.26 21.04
C GLY F 3 17.54 11.89 20.33
N TYR F 4 16.63 11.24 21.06
CA TYR F 4 15.36 10.87 20.47
C TYR F 4 14.55 12.09 20.11
N LEU F 5 14.03 12.11 18.90
CA LEU F 5 13.02 13.10 18.54
C LEU F 5 11.86 13.03 19.53
N VAL F 6 11.32 14.18 19.89
CA VAL F 6 10.22 14.21 20.83
C VAL F 6 9.13 15.16 20.36
N ASP F 7 7.88 14.75 20.56
CA ASP F 7 6.73 15.59 20.25
C ASP F 7 6.63 16.64 21.34
N LYS F 8 6.78 17.91 20.97
CA LYS F 8 6.86 18.97 21.98
C LYS F 8 5.54 19.19 22.72
N ASN F 9 4.45 18.65 22.18
CA ASN F 9 3.17 18.77 22.85
C ASN F 9 2.81 17.60 23.78
N THR F 10 3.24 16.39 23.42
CA THR F 10 2.82 15.21 24.15
C THR F 10 3.95 14.57 24.95
N GLY F 11 5.18 14.90 24.59
CA GLY F 11 6.32 14.32 25.25
C GLY F 11 6.68 12.95 24.72
N CYS F 12 5.99 12.49 23.68
CA CYS F 12 6.24 11.15 23.14
C CYS F 12 7.36 11.09 22.13
N LYS F 13 8.01 9.94 22.05
CA LYS F 13 8.98 9.72 20.99
C LYS F 13 8.19 9.58 19.70
N TYR F 14 8.88 9.64 18.56
CA TYR F 14 8.27 9.37 17.25
C TYR F 14 8.62 7.96 16.84
N GLU F 15 7.60 7.16 16.57
CA GLU F 15 7.84 5.76 16.22
C GLU F 15 8.08 5.61 14.73
N CYS F 16 9.01 4.74 14.37
CA CYS F 16 9.30 4.46 12.98
C CYS F 16 9.21 2.95 12.77
N LEU F 17 9.21 2.55 11.50
CA LEU F 17 8.98 1.15 11.12
C LEU F 17 10.25 0.45 10.62
N LYS F 18 11.06 1.17 9.85
CA LYS F 18 12.23 0.57 9.23
C LYS F 18 13.51 0.97 9.93
N LEU F 19 14.13 0.00 10.60
CA LEU F 19 15.35 0.23 11.36
C LEU F 19 16.49 0.70 10.48
N GLY F 20 17.30 1.60 11.01
CA GLY F 20 18.49 2.06 10.33
C GLY F 20 18.20 3.31 9.52
N ASP F 21 18.89 3.44 8.39
CA ASP F 21 18.63 4.54 7.46
C ASP F 21 17.13 4.68 7.28
N ASN F 22 16.62 5.88 7.49
CA ASN F 22 15.17 6.06 7.51
C ASN F 22 14.82 7.50 7.16
N ASP F 23 14.23 7.70 5.98
CA ASP F 23 13.94 9.04 5.50
C ASP F 23 12.85 9.71 6.32
N TYR F 24 11.97 8.90 6.91
CA TYR F 24 10.95 9.47 7.77
C TYR F 24 11.58 10.16 8.97
N CYS F 25 12.46 9.46 9.67
CA CYS F 25 13.15 10.06 10.82
C CYS F 25 14.00 11.23 10.39
N LEU F 26 14.72 11.07 9.28
CA LEU F 26 15.53 12.17 8.74
C LEU F 26 14.68 13.43 8.59
N ARG F 27 13.58 13.32 7.87
CA ARG F 27 12.75 14.51 7.64
CA ARG F 27 12.84 14.50 7.68
C ARG F 27 12.08 15.06 8.90
N GLU F 28 11.64 14.19 9.79
CA GLU F 28 11.01 14.67 11.02
C GLU F 28 12.04 15.37 11.92
N CYS F 29 13.24 14.82 11.97
CA CYS F 29 14.30 15.45 12.75
C CYS F 29 14.65 16.84 12.20
N LYS F 30 14.78 16.93 10.87
CA LYS F 30 15.05 18.23 10.24
C LYS F 30 13.92 19.21 10.46
N GLN F 31 12.69 18.71 10.39
CA GLN F 31 11.53 19.57 10.54
C GLN F 31 11.51 20.16 11.93
N GLN F 32 12.01 19.40 12.89
CA GLN F 32 12.00 19.83 14.27
C GLN F 32 13.19 20.70 14.64
N TYR F 33 14.38 20.28 14.22
CA TYR F 33 15.60 20.90 14.73
C TYR F 33 16.37 21.72 13.70
N GLY F 34 15.91 21.68 12.46
CA GLY F 34 16.52 22.47 11.42
C GLY F 34 17.23 21.66 10.37
N LYS F 35 17.55 22.32 9.25
CA LYS F 35 18.05 21.63 8.07
C LYS F 35 19.36 20.87 8.24
N GLY F 36 20.12 21.18 9.28
CA GLY F 36 21.41 20.53 9.52
C GLY F 36 21.31 19.21 10.27
N ALA F 37 20.14 18.95 10.84
CA ALA F 37 19.92 17.73 11.62
C ALA F 37 20.01 16.47 10.77
N GLY F 38 20.43 15.39 11.39
CA GLY F 38 20.35 14.07 10.78
C GLY F 38 19.36 13.26 11.60
N GLY F 39 19.12 12.02 11.19
CA GLY F 39 18.23 11.17 11.95
C GLY F 39 18.05 9.82 11.33
N TYR F 40 17.86 8.82 12.17
CA TYR F 40 17.62 7.48 11.69
C TYR F 40 16.75 6.71 12.68
N CYS F 41 16.39 5.49 12.33
CA CYS F 41 15.44 4.72 13.13
C CYS F 41 16.21 3.74 14.02
N TYR F 42 16.04 3.87 15.33
CA TYR F 42 16.75 3.07 16.32
C TYR F 42 15.74 2.47 17.30
N ALA F 43 15.72 1.15 17.38
CA ALA F 43 14.76 0.47 18.24
C ALA F 43 13.35 0.96 17.97
N PHE F 44 13.07 1.28 16.70
CA PHE F 44 11.75 1.71 16.26
C PHE F 44 11.33 3.09 16.75
N ALA F 45 12.33 3.89 17.12
CA ALA F 45 12.12 5.30 17.41
C ALA F 45 13.09 6.15 16.61
N CYS F 46 12.67 7.37 16.30
CA CYS F 46 13.51 8.30 15.57
C CYS F 46 14.59 8.90 16.47
N TRP F 47 15.84 8.65 16.10
CA TRP F 47 17.00 9.17 16.83
C TRP F 47 17.63 10.23 15.94
N CYS F 48 17.64 11.47 16.43
CA CYS F 48 18.19 12.59 15.69
C CYS F 48 19.66 12.82 16.01
N THR F 49 20.39 13.35 15.03
CA THR F 49 21.82 13.58 15.15
C THR F 49 22.20 14.98 14.65
N HIS F 50 23.44 15.38 14.92
CA HIS F 50 23.96 16.67 14.48
C HIS F 50 23.06 17.81 14.95
N LEU F 51 22.53 17.71 16.16
CA LEU F 51 21.65 18.75 16.68
C LEU F 51 22.51 19.82 17.36
N TYR F 52 22.03 21.05 17.36
CA TYR F 52 22.70 22.08 18.14
C TYR F 52 22.67 21.69 19.63
N GLU F 53 23.70 22.07 20.37
CA GLU F 53 23.92 21.54 21.71
C GLU F 53 22.76 21.81 22.66
N GLN F 54 22.04 22.91 22.43
CA GLN F 54 20.93 23.34 23.30
C GLN F 54 19.62 22.67 22.93
N ALA F 55 19.61 21.83 21.91
CA ALA F 55 18.38 21.23 21.43
C ALA F 55 17.66 20.42 22.51
N ILE F 56 16.34 20.55 22.57
CA ILE F 56 15.53 19.78 23.52
C ILE F 56 15.14 18.43 22.90
N VAL F 57 15.65 17.34 23.45
CA VAL F 57 15.33 16.01 22.94
C VAL F 57 14.57 15.24 24.02
N TRP F 58 14.16 14.01 23.70
CA TRP F 58 13.44 13.21 24.69
C TRP F 58 14.38 12.90 25.86
N PRO F 59 13.85 12.90 27.09
CA PRO F 59 12.46 13.23 27.42
C PRO F 59 12.27 14.70 27.76
N LEU F 60 11.05 15.20 27.61
CA LEU F 60 10.72 16.56 28.02
C LEU F 60 10.65 16.64 29.53
N PRO F 61 11.30 17.66 30.12
CA PRO F 61 11.25 17.84 31.57
C PRO F 61 9.84 18.21 32.03
N ASN F 62 9.01 18.67 31.11
CA ASN F 62 7.70 19.17 31.50
C ASN F 62 6.53 18.22 31.33
N LYS F 63 6.72 17.18 30.52
CA LYS F 63 5.63 16.26 30.23
C LYS F 63 6.12 14.87 29.89
N ARG F 64 5.59 13.86 30.56
CA ARG F 64 5.90 12.49 30.18
C ARG F 64 4.86 12.01 29.18
N CYS F 65 5.23 11.01 28.37
CA CYS F 65 4.35 10.50 27.33
C CYS F 65 3.14 9.81 27.96
#